data_1RJ6
#
_entry.id   1RJ6
#
_cell.length_a   59.2
_cell.length_b   75.8
_cell.length_c   73.8
_cell.angle_alpha   90.0
_cell.angle_beta   99.2
_cell.angle_gamma   90.0
#
_symmetry.space_group_name_H-M   'P 1 21 1'
#
loop_
_entity.id
_entity.type
_entity.pdbx_description
1 polymer 'Carbonic anhydrase XIV'
2 branched 2-acetamido-2-deoxy-beta-D-glucopyranose-(1-4)-2-acetamido-2-deoxy-beta-D-glucopyranose
3 branched alpha-D-mannopyranose-(1-6)-beta-D-mannopyranose-(1-4)-2-acetamido-2-deoxy-beta-D-glucopyranose-(1-4)-2-acetamido-2-deoxy-beta-D-glucopyranose
4 non-polymer 'ZINC ION'
5 non-polymer 5-ACETAMIDO-1,3,4-THIADIAZOLE-2-SULFONAMIDE
6 water water
#
_entity_poly.entity_id   1
_entity_poly.type   'polypeptide(L)'
_entity_poly.pdbx_seq_one_letter_code
;GGHHWTYEGPHGQDHWPTSYPECGGDAQSPINIQTDSVIFDPDLPAVQPHGYDQLGTEPLDLHNNGHTVQLSLPPTLHLG
GLPRKYTAAQLHLHWGQRGSLEGSEHHINSEATAAELHVVHYDSQSYSSLSEAAQKPQGLAVLGILIEVGETENPAYDHI
LSRLHEIRYKDQKTSVPPFSVRELFPQQLEQFFRYNGSLTTPPCYQSVLWTVFNRRAQISMGQLEKLQETLSSTEEDPSE
PLVQNYRVPQPLNQRTIFASF
;
_entity_poly.pdbx_strand_id   A,B
#
loop_
_chem_comp.id
_chem_comp.type
_chem_comp.name
_chem_comp.formula
AZM non-polymer 5-ACETAMIDO-1,3,4-THIADIAZOLE-2-SULFONAMIDE 'C4 H6 N4 O3 S2'
BMA D-saccharide, beta linking beta-D-mannopyranose 'C6 H12 O6'
MAN D-saccharide, alpha linking alpha-D-mannopyranose 'C6 H12 O6'
NAG D-saccharide, beta linking 2-acetamido-2-deoxy-beta-D-glucopyranose 'C8 H15 N O6'
ZN non-polymer 'ZINC ION' 'Zn 2'
#
# COMPACT_ATOMS: atom_id res chain seq x y z
N HIS A 3 -8.98 -27.16 -11.64
CA HIS A 3 -10.39 -26.74 -11.93
C HIS A 3 -10.81 -25.60 -11.00
N HIS A 4 -10.09 -25.46 -9.90
CA HIS A 4 -10.37 -24.39 -8.95
C HIS A 4 -9.37 -23.28 -9.25
N TRP A 5 -9.86 -22.18 -9.82
CA TRP A 5 -9.00 -21.06 -10.18
C TRP A 5 -8.52 -20.26 -8.97
N THR A 6 -7.49 -19.44 -9.20
CA THR A 6 -6.90 -18.61 -8.15
C THR A 6 -6.49 -17.27 -8.76
N TYR A 7 -6.26 -16.27 -7.90
CA TYR A 7 -5.88 -14.95 -8.36
C TYR A 7 -4.47 -14.90 -8.96
N GLU A 8 -3.59 -15.74 -8.44
CA GLU A 8 -2.21 -15.86 -8.91
C GLU A 8 -1.77 -17.31 -8.92
N GLY A 9 -0.56 -17.56 -9.39
CA GLY A 9 -0.04 -18.91 -9.44
C GLY A 9 -0.22 -19.56 -10.81
N PRO A 10 -0.27 -20.90 -10.86
CA PRO A 10 -0.43 -21.63 -12.12
C PRO A 10 -1.76 -21.29 -12.77
N HIS A 11 -2.79 -21.13 -11.94
CA HIS A 11 -4.13 -20.80 -12.41
C HIS A 11 -4.52 -19.37 -12.06
N GLY A 12 -3.56 -18.46 -12.14
CA GLY A 12 -3.81 -17.07 -11.84
C GLY A 12 -4.61 -16.37 -12.92
N GLN A 13 -4.99 -15.11 -12.66
CA GLN A 13 -5.78 -14.32 -13.58
C GLN A 13 -5.23 -14.23 -15.00
N ASP A 14 -4.00 -14.72 -15.19
CA ASP A 14 -3.37 -14.69 -16.50
C ASP A 14 -3.87 -15.84 -17.36
N HIS A 15 -4.07 -16.99 -16.73
CA HIS A 15 -4.52 -18.19 -17.42
C HIS A 15 -6.03 -18.37 -17.42
N TRP A 16 -6.75 -17.40 -16.85
CA TRP A 16 -8.20 -17.47 -16.83
C TRP A 16 -8.78 -17.60 -18.24
N PRO A 17 -8.33 -16.75 -19.17
CA PRO A 17 -8.81 -16.77 -20.56
C PRO A 17 -8.79 -18.15 -21.22
N THR A 18 -7.95 -19.03 -20.68
CA THR A 18 -7.85 -20.38 -21.21
C THR A 18 -9.05 -21.22 -20.82
N SER A 19 -9.22 -21.43 -19.51
CA SER A 19 -10.34 -22.22 -19.02
C SER A 19 -11.69 -21.51 -19.15
N TYR A 20 -11.68 -20.18 -19.19
CA TYR A 20 -12.91 -19.38 -19.34
C TYR A 20 -12.66 -18.34 -20.42
N PRO A 21 -12.85 -18.72 -21.69
CA PRO A 21 -12.65 -17.85 -22.84
C PRO A 21 -13.14 -16.42 -22.63
N GLU A 22 -14.35 -16.32 -22.08
CA GLU A 22 -14.99 -15.03 -21.81
C GLU A 22 -14.06 -14.03 -21.10
N CYS A 23 -13.18 -14.53 -20.24
CA CYS A 23 -12.24 -13.68 -19.49
C CYS A 23 -11.27 -12.94 -20.39
N GLY A 24 -11.25 -13.33 -21.66
CA GLY A 24 -10.39 -12.68 -22.61
C GLY A 24 -11.24 -11.77 -23.47
N GLY A 25 -12.44 -11.46 -22.99
CA GLY A 25 -13.34 -10.59 -23.74
C GLY A 25 -12.81 -9.21 -24.10
N ASP A 26 -13.60 -8.49 -24.90
CA ASP A 26 -13.23 -7.14 -25.33
C ASP A 26 -13.68 -6.04 -24.37
N ALA A 27 -14.34 -6.44 -23.28
CA ALA A 27 -14.84 -5.47 -22.32
C ALA A 27 -14.76 -5.99 -20.89
N GLN A 28 -13.55 -6.37 -20.46
CA GLN A 28 -13.35 -6.88 -19.11
C GLN A 28 -13.22 -5.78 -18.08
N SER A 29 -13.28 -6.18 -16.81
CA SER A 29 -13.16 -5.24 -15.70
C SER A 29 -12.24 -5.91 -14.69
N PRO A 30 -11.65 -5.14 -13.76
CA PRO A 30 -11.76 -3.69 -13.57
C PRO A 30 -10.89 -2.95 -14.59
N ILE A 31 -10.87 -1.62 -14.47
CA ILE A 31 -10.09 -0.79 -15.38
C ILE A 31 -9.45 0.37 -14.64
N ASN A 32 -8.50 1.01 -15.31
CA ASN A 32 -7.84 2.16 -14.75
C ASN A 32 -8.62 3.36 -15.28
N ILE A 33 -9.39 4.02 -14.43
CA ILE A 33 -10.18 5.14 -14.89
C ILE A 33 -9.35 6.41 -15.00
N GLN A 34 -9.03 6.79 -16.23
CA GLN A 34 -8.25 8.01 -16.49
C GLN A 34 -9.24 9.17 -16.63
N THR A 35 -9.32 10.02 -15.61
CA THR A 35 -10.25 11.13 -15.61
C THR A 35 -10.12 12.14 -16.74
N ASP A 36 -9.01 12.13 -17.45
CA ASP A 36 -8.86 13.08 -18.53
C ASP A 36 -9.63 12.59 -19.75
N SER A 37 -9.84 11.29 -19.84
CA SER A 37 -10.56 10.72 -20.97
C SER A 37 -12.07 10.62 -20.66
N VAL A 38 -12.41 10.91 -19.41
CA VAL A 38 -13.78 10.81 -18.97
C VAL A 38 -14.73 11.82 -19.59
N ILE A 39 -15.83 11.32 -20.14
CA ILE A 39 -16.84 12.18 -20.79
C ILE A 39 -18.02 12.53 -19.89
N PHE A 40 -18.18 13.82 -19.62
CA PHE A 40 -19.25 14.30 -18.79
C PHE A 40 -20.63 14.10 -19.41
N ASP A 41 -21.58 13.58 -18.63
CA ASP A 41 -22.93 13.37 -19.12
C ASP A 41 -23.94 13.93 -18.12
N PRO A 42 -24.31 15.20 -18.31
CA PRO A 42 -25.26 15.93 -17.47
C PRO A 42 -26.60 15.24 -17.34
N ASP A 43 -26.83 14.24 -18.18
CA ASP A 43 -28.09 13.54 -18.13
C ASP A 43 -28.08 12.26 -17.31
N LEU A 44 -26.90 11.84 -16.87
CA LEU A 44 -26.80 10.65 -16.05
C LEU A 44 -27.57 10.86 -14.74
N PRO A 45 -28.72 10.16 -14.57
CA PRO A 45 -29.52 10.28 -13.35
C PRO A 45 -28.79 9.78 -12.12
N ALA A 46 -29.02 10.44 -10.99
CA ALA A 46 -28.38 10.07 -9.74
C ALA A 46 -28.67 8.63 -9.34
N VAL A 47 -27.63 7.93 -8.93
CA VAL A 47 -27.77 6.55 -8.50
C VAL A 47 -28.44 6.66 -7.14
N GLN A 48 -29.49 5.88 -6.93
CA GLN A 48 -30.18 5.95 -5.64
C GLN A 48 -30.65 4.62 -5.10
N PRO A 49 -30.01 4.17 -4.01
CA PRO A 49 -30.32 2.91 -3.33
C PRO A 49 -31.56 3.09 -2.45
N HIS A 50 -32.68 2.52 -2.88
CA HIS A 50 -33.93 2.63 -2.13
C HIS A 50 -33.95 1.76 -0.87
N GLY A 51 -33.91 2.43 0.29
CA GLY A 51 -33.95 1.75 1.56
C GLY A 51 -32.88 0.68 1.78
N TYR A 52 -31.63 1.09 1.71
CA TYR A 52 -30.52 0.17 1.91
C TYR A 52 -30.11 0.16 3.38
N ASP A 53 -30.96 0.77 4.20
CA ASP A 53 -30.75 0.84 5.63
C ASP A 53 -31.88 0.02 6.22
N GLN A 54 -32.72 -0.51 5.35
CA GLN A 54 -33.87 -1.33 5.70
C GLN A 54 -33.67 -2.77 5.23
N LEU A 55 -32.84 -3.53 5.94
CA LEU A 55 -32.59 -4.91 5.54
C LEU A 55 -33.51 -5.90 6.25
N GLY A 56 -34.52 -5.37 6.92
CA GLY A 56 -35.47 -6.23 7.59
C GLY A 56 -35.10 -6.80 8.95
N THR A 57 -35.57 -8.01 9.19
CA THR A 57 -35.33 -8.67 10.46
C THR A 57 -34.46 -9.93 10.38
N GLU A 58 -34.64 -10.73 9.33
CA GLU A 58 -33.88 -11.97 9.21
C GLU A 58 -32.38 -11.78 9.04
N PRO A 59 -31.58 -12.67 9.68
CA PRO A 59 -30.11 -12.67 9.65
C PRO A 59 -29.59 -12.68 8.23
N LEU A 60 -28.47 -12.00 8.00
CA LEU A 60 -27.87 -11.98 6.67
C LEU A 60 -26.76 -13.05 6.64
N ASP A 61 -26.56 -13.67 5.48
CA ASP A 61 -25.54 -14.71 5.36
C ASP A 61 -24.14 -14.21 5.05
N LEU A 62 -23.21 -14.47 5.96
CA LEU A 62 -21.82 -14.06 5.77
C LEU A 62 -21.03 -15.33 5.44
N HIS A 63 -20.51 -15.40 4.22
CA HIS A 63 -19.79 -16.56 3.75
C HIS A 63 -18.32 -16.29 3.41
N ASN A 64 -17.54 -17.36 3.27
CA ASN A 64 -16.13 -17.27 2.90
C ASN A 64 -15.95 -18.19 1.69
N ASN A 65 -15.74 -17.59 0.52
CA ASN A 65 -15.55 -18.33 -0.72
C ASN A 65 -14.26 -19.12 -0.61
N GLY A 66 -13.20 -18.35 -0.53
CA GLY A 66 -11.84 -18.84 -0.47
C GLY A 66 -11.20 -17.77 -1.31
N HIS A 67 -12.07 -17.01 -1.98
CA HIS A 67 -11.71 -15.91 -2.85
C HIS A 67 -12.11 -14.57 -2.23
N THR A 68 -13.07 -14.61 -1.31
CA THR A 68 -13.55 -13.40 -0.64
C THR A 68 -14.54 -13.66 0.49
N VAL A 69 -15.03 -12.59 1.06
CA VAL A 69 -16.04 -12.62 2.13
C VAL A 69 -17.26 -12.02 1.44
N GLN A 70 -18.34 -12.79 1.39
CA GLN A 70 -19.55 -12.35 0.71
C GLN A 70 -20.73 -12.28 1.66
N LEU A 71 -21.53 -11.23 1.54
CA LEU A 71 -22.69 -11.04 2.41
C LEU A 71 -23.98 -11.04 1.63
N SER A 72 -24.97 -11.80 2.08
CA SER A 72 -26.24 -11.84 1.38
C SER A 72 -27.07 -10.59 1.61
N LEU A 73 -27.94 -10.28 0.65
CA LEU A 73 -28.81 -9.12 0.75
C LEU A 73 -30.28 -9.46 0.42
N PRO A 74 -31.20 -8.80 1.11
CA PRO A 74 -32.63 -9.03 0.90
C PRO A 74 -33.07 -8.55 -0.51
N PRO A 75 -34.08 -9.22 -1.10
CA PRO A 75 -34.57 -8.84 -2.44
C PRO A 75 -35.35 -7.53 -2.37
N THR A 76 -35.43 -6.94 -1.18
CA THR A 76 -36.15 -5.70 -0.98
C THR A 76 -35.31 -4.49 -1.32
N LEU A 77 -34.01 -4.66 -1.50
CA LEU A 77 -33.15 -3.54 -1.87
C LEU A 77 -33.30 -3.30 -3.36
N HIS A 78 -33.80 -2.13 -3.73
CA HIS A 78 -34.00 -1.79 -5.13
C HIS A 78 -33.17 -0.61 -5.58
N LEU A 79 -32.30 -0.85 -6.56
CA LEU A 79 -31.42 0.19 -7.09
C LEU A 79 -32.07 0.94 -8.26
N GLY A 80 -32.32 2.24 -8.04
CA GLY A 80 -32.93 3.06 -9.07
C GLY A 80 -31.94 4.04 -9.66
N GLY A 81 -32.33 4.68 -10.76
CA GLY A 81 -31.45 5.64 -11.39
C GLY A 81 -30.71 5.04 -12.58
N LEU A 82 -31.05 3.80 -12.89
CA LEU A 82 -30.43 3.09 -14.01
C LEU A 82 -31.45 2.78 -15.10
N PRO A 83 -30.98 2.38 -16.29
CA PRO A 83 -31.81 2.05 -17.45
C PRO A 83 -32.93 1.04 -17.14
N ARG A 84 -32.59 0.04 -16.33
CA ARG A 84 -33.55 -0.99 -15.94
C ARG A 84 -33.63 -0.99 -14.42
N LYS A 85 -34.57 -1.73 -13.87
CA LYS A 85 -34.74 -1.79 -12.42
C LYS A 85 -33.92 -2.94 -11.86
N TYR A 86 -32.97 -2.61 -11.01
CA TYR A 86 -32.12 -3.64 -10.43
C TYR A 86 -32.39 -3.92 -8.97
N THR A 87 -32.10 -5.15 -8.58
CA THR A 87 -32.29 -5.58 -7.20
C THR A 87 -30.96 -6.09 -6.65
N ALA A 88 -30.66 -5.71 -5.42
CA ALA A 88 -29.42 -6.12 -4.78
C ALA A 88 -29.48 -7.62 -4.52
N ALA A 89 -28.34 -8.28 -4.73
CA ALA A 89 -28.28 -9.71 -4.49
C ALA A 89 -27.27 -10.02 -3.40
N GLN A 90 -26.03 -9.60 -3.63
CA GLN A 90 -24.93 -9.84 -2.71
C GLN A 90 -23.91 -8.72 -2.71
N LEU A 91 -22.93 -8.85 -1.83
CA LEU A 91 -21.89 -7.86 -1.70
C LEU A 91 -20.62 -8.54 -1.15
N HIS A 92 -19.46 -8.13 -1.64
CA HIS A 92 -18.22 -8.72 -1.18
C HIS A 92 -17.10 -7.70 -1.27
N LEU A 93 -15.92 -8.10 -0.82
CA LEU A 93 -14.76 -7.21 -0.80
C LEU A 93 -13.50 -7.72 -1.50
N HIS A 94 -12.59 -6.78 -1.74
CA HIS A 94 -11.31 -7.08 -2.36
C HIS A 94 -10.28 -6.30 -1.56
N TRP A 95 -9.11 -6.88 -1.34
CA TRP A 95 -8.07 -6.20 -0.58
C TRP A 95 -6.70 -6.77 -0.89
N GLY A 96 -5.66 -6.09 -0.43
CA GLY A 96 -4.31 -6.57 -0.68
C GLY A 96 -3.75 -7.39 0.46
N GLN A 97 -2.48 -7.75 0.37
CA GLN A 97 -1.81 -8.52 1.41
C GLN A 97 -1.36 -7.57 2.52
N ARG A 98 -1.08 -8.11 3.69
CA ARG A 98 -0.64 -7.29 4.82
C ARG A 98 0.28 -6.13 4.43
N GLY A 99 1.43 -6.48 3.86
CA GLY A 99 2.41 -5.49 3.47
C GLY A 99 2.00 -4.29 2.64
N SER A 100 1.27 -4.54 1.55
CA SER A 100 0.85 -3.45 0.65
C SER A 100 -0.37 -2.65 1.12
N LEU A 101 -0.59 -1.51 0.45
CA LEU A 101 -1.72 -0.65 0.74
C LEU A 101 -2.46 -0.41 -0.58
N GLU A 102 -2.41 -1.41 -1.44
CA GLU A 102 -3.08 -1.36 -2.74
C GLU A 102 -3.81 -2.68 -2.86
N GLY A 103 -5.12 -2.62 -2.69
CA GLY A 103 -5.93 -3.81 -2.76
C GLY A 103 -7.25 -3.66 -3.46
N SER A 104 -7.46 -2.52 -4.11
CA SER A 104 -8.70 -2.29 -4.83
C SER A 104 -8.58 -2.90 -6.23
N GLU A 105 -9.70 -2.99 -6.95
CA GLU A 105 -9.66 -3.54 -8.28
C GLU A 105 -9.64 -2.45 -9.34
N HIS A 106 -10.38 -1.37 -9.12
CA HIS A 106 -10.34 -0.28 -10.07
C HIS A 106 -9.25 0.70 -9.61
N HIS A 107 -8.78 1.54 -10.54
CA HIS A 107 -7.79 2.58 -10.22
C HIS A 107 -8.40 3.84 -10.76
N ILE A 108 -7.89 4.96 -10.29
CA ILE A 108 -8.30 6.26 -10.79
C ILE A 108 -6.97 6.97 -11.07
N ASN A 109 -6.74 7.26 -12.35
CA ASN A 109 -5.52 7.90 -12.78
C ASN A 109 -4.32 7.13 -12.21
N SER A 110 -4.33 5.84 -12.50
CA SER A 110 -3.29 4.91 -12.12
C SER A 110 -3.11 4.64 -10.64
N GLU A 111 -3.98 5.18 -9.80
CA GLU A 111 -3.85 4.95 -8.37
C GLU A 111 -4.94 4.04 -7.80
N ALA A 112 -4.52 2.99 -7.10
CA ALA A 112 -5.45 2.06 -6.46
C ALA A 112 -5.56 2.39 -4.99
N THR A 113 -6.63 1.93 -4.35
CA THR A 113 -6.79 2.19 -2.93
C THR A 113 -6.57 0.90 -2.13
N ALA A 114 -6.71 1.01 -0.81
CA ALA A 114 -6.50 -0.13 0.08
C ALA A 114 -7.46 -1.32 -0.14
N ALA A 115 -8.69 -1.03 -0.53
CA ALA A 115 -9.70 -2.08 -0.77
C ALA A 115 -10.88 -1.60 -1.61
N GLU A 116 -11.71 -2.53 -2.03
CA GLU A 116 -12.89 -2.20 -2.82
C GLU A 116 -14.09 -3.03 -2.41
N LEU A 117 -15.24 -2.36 -2.36
CA LEU A 117 -16.50 -2.97 -2.00
C LEU A 117 -17.29 -3.12 -3.27
N HIS A 118 -17.96 -4.25 -3.44
CA HIS A 118 -18.78 -4.47 -4.63
C HIS A 118 -20.18 -4.89 -4.24
N VAL A 119 -21.16 -4.13 -4.72
CA VAL A 119 -22.56 -4.45 -4.43
C VAL A 119 -23.17 -4.92 -5.73
N VAL A 120 -23.52 -6.20 -5.79
CA VAL A 120 -24.07 -6.79 -7.00
C VAL A 120 -25.60 -6.79 -7.10
N HIS A 121 -26.10 -6.27 -8.22
CA HIS A 121 -27.54 -6.23 -8.47
C HIS A 121 -27.88 -6.98 -9.77
N TYR A 122 -29.15 -7.24 -9.99
CA TYR A 122 -29.55 -7.90 -11.23
C TYR A 122 -30.89 -7.35 -11.70
N ASP A 123 -31.10 -7.39 -13.02
CA ASP A 123 -32.31 -6.88 -13.64
C ASP A 123 -33.54 -7.76 -13.33
N SER A 124 -34.15 -7.58 -12.16
CA SER A 124 -35.31 -8.40 -11.80
C SER A 124 -36.52 -8.04 -12.64
N GLN A 125 -36.43 -6.91 -13.30
CA GLN A 125 -37.49 -6.43 -14.16
C GLN A 125 -37.60 -7.34 -15.38
N SER A 126 -36.47 -7.85 -15.87
CA SER A 126 -36.45 -8.69 -17.06
C SER A 126 -36.09 -10.14 -16.84
N TYR A 127 -35.56 -10.49 -15.68
CA TYR A 127 -35.17 -11.87 -15.42
C TYR A 127 -35.59 -12.31 -14.03
N SER A 128 -35.62 -13.62 -13.79
CA SER A 128 -36.04 -14.14 -12.51
C SER A 128 -34.95 -14.43 -11.50
N SER A 129 -33.72 -14.66 -11.96
CA SER A 129 -32.62 -14.97 -11.05
C SER A 129 -31.35 -14.18 -11.32
N LEU A 130 -30.43 -14.19 -10.35
CA LEU A 130 -29.18 -13.46 -10.50
C LEU A 130 -28.34 -14.13 -11.56
N SER A 131 -28.47 -15.44 -11.66
CA SER A 131 -27.72 -16.22 -12.63
C SER A 131 -28.24 -15.91 -14.01
N GLU A 132 -29.56 -15.95 -14.17
CA GLU A 132 -30.16 -15.66 -15.45
C GLU A 132 -29.62 -14.36 -16.05
N ALA A 133 -29.56 -13.32 -15.23
CA ALA A 133 -29.07 -12.05 -15.74
C ALA A 133 -27.55 -12.02 -15.77
N ALA A 134 -26.89 -13.00 -15.15
CA ALA A 134 -25.43 -12.96 -15.17
C ALA A 134 -24.84 -13.14 -16.56
N GLN A 135 -25.63 -13.68 -17.50
CA GLN A 135 -25.14 -13.87 -18.87
C GLN A 135 -25.98 -13.15 -19.91
N LYS A 136 -26.79 -12.21 -19.43
CA LYS A 136 -27.65 -11.44 -20.31
C LYS A 136 -27.05 -10.05 -20.42
N PRO A 137 -27.14 -9.45 -21.60
CA PRO A 137 -26.57 -8.10 -21.74
C PRO A 137 -27.22 -7.17 -20.73
N GLN A 138 -26.41 -6.35 -20.06
CA GLN A 138 -26.91 -5.41 -19.07
C GLN A 138 -27.71 -6.14 -17.97
N GLY A 139 -27.48 -7.44 -17.84
CA GLY A 139 -28.18 -8.24 -16.86
C GLY A 139 -27.81 -7.91 -15.43
N LEU A 140 -26.55 -7.56 -15.23
CA LEU A 140 -26.06 -7.24 -13.90
C LEU A 140 -25.68 -5.76 -13.80
N ALA A 141 -25.63 -5.26 -12.57
CA ALA A 141 -25.26 -3.89 -12.29
C ALA A 141 -24.51 -3.95 -10.97
N VAL A 142 -23.30 -3.44 -10.96
CA VAL A 142 -22.49 -3.46 -9.76
C VAL A 142 -22.08 -2.05 -9.34
N LEU A 143 -22.13 -1.81 -8.03
CA LEU A 143 -21.73 -0.53 -7.48
C LEU A 143 -20.34 -0.78 -6.88
N GLY A 144 -19.37 0.02 -7.28
CA GLY A 144 -18.03 -0.14 -6.75
C GLY A 144 -17.61 0.97 -5.81
N ILE A 145 -17.37 0.63 -4.55
CA ILE A 145 -16.93 1.61 -3.58
C ILE A 145 -15.46 1.39 -3.23
N LEU A 146 -14.64 2.40 -3.47
CA LEU A 146 -13.22 2.34 -3.15
C LEU A 146 -13.02 2.67 -1.70
N ILE A 147 -12.15 1.91 -1.05
CA ILE A 147 -11.87 2.09 0.36
C ILE A 147 -10.45 2.53 0.66
N GLU A 148 -10.34 3.55 1.51
CA GLU A 148 -9.06 4.09 1.93
C GLU A 148 -8.94 3.88 3.43
N VAL A 149 -7.73 3.98 3.96
CA VAL A 149 -7.52 3.83 5.39
C VAL A 149 -7.71 5.18 6.09
N GLY A 150 -8.69 5.25 6.98
CA GLY A 150 -8.96 6.49 7.69
C GLY A 150 -8.31 6.50 9.06
N GLU A 151 -8.40 7.65 9.73
CA GLU A 151 -7.83 7.77 11.04
C GLU A 151 -8.86 7.43 12.11
N THR A 152 -9.96 6.80 11.70
CA THR A 152 -11.00 6.44 12.65
C THR A 152 -11.67 5.09 12.33
N GLU A 153 -12.18 4.43 13.37
CA GLU A 153 -12.85 3.15 13.22
C GLU A 153 -14.19 3.35 12.51
N ASN A 154 -14.47 2.56 11.47
CA ASN A 154 -15.75 2.69 10.75
C ASN A 154 -16.75 1.70 11.29
N PRO A 155 -17.72 2.17 12.08
CA PRO A 155 -18.76 1.32 12.67
C PRO A 155 -19.58 0.55 11.65
N ALA A 156 -19.74 1.12 10.46
CA ALA A 156 -20.50 0.44 9.42
C ALA A 156 -19.80 -0.86 9.08
N TYR A 157 -18.57 -0.76 8.59
CA TYR A 157 -17.81 -1.94 8.21
C TYR A 157 -17.59 -2.95 9.32
N ASP A 158 -17.73 -2.55 10.58
CA ASP A 158 -17.52 -3.54 11.64
C ASP A 158 -18.62 -4.59 11.64
N HIS A 159 -19.81 -4.24 11.15
CA HIS A 159 -20.89 -5.23 11.12
C HIS A 159 -20.38 -6.46 10.41
N ILE A 160 -19.37 -6.28 9.57
CA ILE A 160 -18.81 -7.40 8.83
C ILE A 160 -17.49 -7.87 9.43
N LEU A 161 -16.56 -6.93 9.62
CA LEU A 161 -15.24 -7.23 10.16
C LEU A 161 -15.23 -7.88 11.57
N SER A 162 -16.12 -7.43 12.44
CA SER A 162 -16.19 -7.96 13.80
C SER A 162 -16.50 -9.45 13.85
N ARG A 163 -17.01 -9.99 12.76
CA ARG A 163 -17.39 -11.40 12.72
C ARG A 163 -16.53 -12.22 11.77
N LEU A 164 -15.38 -11.70 11.37
CA LEU A 164 -14.56 -12.46 10.45
C LEU A 164 -13.97 -13.76 10.99
N HIS A 165 -13.80 -13.86 12.32
CA HIS A 165 -13.23 -15.09 12.92
C HIS A 165 -14.18 -16.27 12.80
N GLU A 166 -15.47 -16.00 12.78
CA GLU A 166 -16.45 -17.06 12.67
C GLU A 166 -16.35 -17.81 11.34
N ILE A 167 -15.76 -17.18 10.33
CA ILE A 167 -15.62 -17.84 9.03
C ILE A 167 -14.20 -17.74 8.52
N ARG A 168 -13.25 -18.01 9.42
CA ARG A 168 -11.83 -17.96 9.07
C ARG A 168 -11.47 -18.87 7.89
N TYR A 169 -12.01 -20.09 7.89
CA TYR A 169 -11.71 -21.01 6.82
C TYR A 169 -12.70 -20.95 5.67
N LYS A 170 -12.25 -21.39 4.52
CA LYS A 170 -13.08 -21.42 3.33
C LYS A 170 -14.38 -22.19 3.58
N ASP A 171 -15.41 -21.86 2.81
CA ASP A 171 -16.70 -22.52 2.92
C ASP A 171 -17.38 -22.37 4.28
N GLN A 172 -16.70 -21.78 5.26
CA GLN A 172 -17.33 -21.57 6.56
C GLN A 172 -18.40 -20.48 6.38
N LYS A 173 -19.54 -20.64 7.05
CA LYS A 173 -20.62 -19.69 6.92
C LYS A 173 -21.04 -19.14 8.27
N THR A 174 -21.93 -18.15 8.28
CA THR A 174 -22.42 -17.56 9.53
C THR A 174 -23.51 -16.54 9.22
N SER A 175 -24.20 -16.07 10.26
CA SER A 175 -25.27 -15.08 10.10
C SER A 175 -24.98 -13.86 10.94
N VAL A 176 -25.37 -12.69 10.45
CA VAL A 176 -25.16 -11.44 11.17
C VAL A 176 -26.47 -10.70 11.31
N PRO A 177 -26.60 -9.84 12.34
CA PRO A 177 -27.84 -9.08 12.51
C PRO A 177 -27.87 -8.09 11.37
N PRO A 178 -29.00 -7.99 10.65
CA PRO A 178 -29.07 -7.05 9.53
C PRO A 178 -28.69 -5.63 9.93
N PHE A 179 -28.11 -4.89 9.01
CA PHE A 179 -27.67 -3.53 9.29
C PHE A 179 -27.72 -2.67 8.03
N SER A 180 -27.68 -1.36 8.22
CA SER A 180 -27.71 -0.43 7.12
C SER A 180 -26.52 -0.57 6.18
N VAL A 181 -26.79 -1.16 5.02
CA VAL A 181 -25.77 -1.35 4.00
C VAL A 181 -25.35 0.03 3.51
N ARG A 182 -26.33 0.91 3.34
CA ARG A 182 -26.11 2.28 2.89
C ARG A 182 -24.88 2.91 3.56
N GLU A 183 -24.74 2.66 4.86
CA GLU A 183 -23.63 3.21 5.61
C GLU A 183 -22.25 2.75 5.16
N LEU A 184 -22.20 1.79 4.24
CA LEU A 184 -20.91 1.31 3.76
C LEU A 184 -20.44 2.09 2.54
N PHE A 185 -21.28 2.99 2.02
CA PHE A 185 -20.94 3.77 0.83
C PHE A 185 -20.42 5.14 1.23
N PRO A 186 -19.68 5.80 0.34
CA PRO A 186 -19.22 7.13 0.74
C PRO A 186 -20.48 7.97 0.95
N GLN A 187 -20.41 9.01 1.77
CA GLN A 187 -21.59 9.83 2.04
C GLN A 187 -22.21 10.54 0.83
N GLN A 188 -21.36 11.03 -0.09
CA GLN A 188 -21.83 11.74 -1.29
C GLN A 188 -21.71 10.91 -2.55
N LEU A 189 -22.85 10.49 -3.09
CA LEU A 189 -22.90 9.66 -4.28
C LEU A 189 -23.19 10.40 -5.59
N GLU A 190 -23.13 11.73 -5.58
CA GLU A 190 -23.38 12.51 -6.80
C GLU A 190 -22.33 12.19 -7.86
N GLN A 191 -21.07 12.23 -7.45
CA GLN A 191 -19.97 11.98 -8.36
C GLN A 191 -19.66 10.51 -8.56
N PHE A 192 -19.75 10.06 -9.80
CA PHE A 192 -19.45 8.66 -10.13
C PHE A 192 -19.10 8.49 -11.61
N PHE A 193 -18.58 7.34 -11.95
CA PHE A 193 -18.23 7.03 -13.34
C PHE A 193 -19.06 5.81 -13.73
N ARG A 194 -19.53 5.75 -14.98
CA ARG A 194 -20.30 4.59 -15.44
C ARG A 194 -19.69 4.05 -16.72
N TYR A 195 -19.86 2.76 -16.96
CA TYR A 195 -19.31 2.14 -18.15
C TYR A 195 -19.70 0.65 -18.23
N ASN A 196 -19.65 0.07 -19.43
CA ASN A 196 -19.97 -1.35 -19.62
C ASN A 196 -18.75 -2.25 -19.39
N GLY A 197 -18.92 -3.28 -18.56
CA GLY A 197 -17.79 -4.15 -18.29
C GLY A 197 -18.18 -5.60 -18.10
N SER A 198 -17.44 -6.27 -17.23
CA SER A 198 -17.66 -7.69 -16.94
C SER A 198 -17.51 -7.96 -15.46
N LEU A 199 -17.62 -9.24 -15.10
CA LEU A 199 -17.41 -9.65 -13.72
C LEU A 199 -15.88 -9.66 -13.63
N THR A 200 -15.33 -9.45 -12.44
CA THR A 200 -13.89 -9.41 -12.25
C THR A 200 -13.28 -10.76 -11.87
N THR A 201 -14.07 -11.82 -12.00
CA THR A 201 -13.61 -13.18 -11.70
C THR A 201 -14.29 -14.10 -12.70
N PRO A 202 -13.67 -15.26 -13.00
CA PRO A 202 -14.27 -16.18 -13.96
C PRO A 202 -15.73 -16.40 -13.58
N PRO A 203 -16.63 -16.61 -14.56
CA PRO A 203 -16.46 -16.68 -16.03
C PRO A 203 -16.15 -15.36 -16.71
N CYS A 204 -16.18 -14.27 -15.96
CA CYS A 204 -15.89 -12.94 -16.51
C CYS A 204 -16.97 -12.46 -17.47
N TYR A 205 -18.19 -12.93 -17.25
CA TYR A 205 -19.32 -12.56 -18.09
C TYR A 205 -19.39 -11.07 -18.32
N GLN A 206 -19.45 -10.67 -19.59
CA GLN A 206 -19.51 -9.26 -19.92
C GLN A 206 -20.95 -8.77 -19.89
N SER A 207 -21.60 -9.00 -18.75
CA SER A 207 -22.99 -8.65 -18.57
C SER A 207 -23.27 -7.53 -17.60
N VAL A 208 -22.23 -6.95 -17.02
CA VAL A 208 -22.41 -5.90 -16.03
C VAL A 208 -22.27 -4.44 -16.46
N LEU A 209 -23.13 -3.60 -15.87
CA LEU A 209 -23.14 -2.17 -16.12
C LEU A 209 -22.53 -1.58 -14.86
N TRP A 210 -21.27 -1.17 -14.97
CA TRP A 210 -20.53 -0.61 -13.84
C TRP A 210 -20.75 0.85 -13.44
N THR A 211 -20.68 1.07 -12.13
CA THR A 211 -20.82 2.39 -11.54
C THR A 211 -19.76 2.43 -10.44
N VAL A 212 -18.77 3.31 -10.62
CA VAL A 212 -17.71 3.45 -9.63
C VAL A 212 -17.76 4.84 -9.04
N PHE A 213 -18.00 4.91 -7.74
CA PHE A 213 -18.10 6.20 -7.06
C PHE A 213 -16.79 6.96 -6.98
N ASN A 214 -16.89 8.29 -7.06
CA ASN A 214 -15.73 9.14 -7.02
C ASN A 214 -15.24 9.36 -5.60
N ARG A 215 -16.18 9.50 -4.67
CA ARG A 215 -15.83 9.69 -3.27
C ARG A 215 -15.46 8.31 -2.73
N ARG A 216 -14.64 8.28 -1.69
CA ARG A 216 -14.22 7.00 -1.11
C ARG A 216 -14.72 6.78 0.32
N ALA A 217 -14.73 5.52 0.71
CA ALA A 217 -15.15 5.15 2.06
C ALA A 217 -13.87 4.93 2.84
N GLN A 218 -13.91 5.09 4.16
CA GLN A 218 -12.70 4.89 4.96
C GLN A 218 -12.82 3.97 6.17
N ILE A 219 -11.75 3.24 6.44
CA ILE A 219 -11.70 2.34 7.58
C ILE A 219 -10.35 2.51 8.25
N SER A 220 -10.30 2.25 9.55
CA SER A 220 -9.06 2.37 10.31
C SER A 220 -8.02 1.35 9.82
N MET A 221 -6.74 1.66 10.03
CA MET A 221 -5.68 0.74 9.64
C MET A 221 -5.92 -0.57 10.39
N GLY A 222 -6.55 -0.47 11.56
CA GLY A 222 -6.85 -1.65 12.33
C GLY A 222 -7.82 -2.55 11.60
N GLN A 223 -8.86 -1.95 11.04
CA GLN A 223 -9.88 -2.68 10.30
C GLN A 223 -9.27 -3.30 9.04
N LEU A 224 -8.50 -2.52 8.30
CA LEU A 224 -7.88 -3.03 7.09
C LEU A 224 -7.00 -4.22 7.44
N GLU A 225 -6.38 -4.18 8.61
CA GLU A 225 -5.51 -5.27 9.04
C GLU A 225 -6.36 -6.49 9.39
N LYS A 226 -7.42 -6.27 10.15
CA LYS A 226 -8.30 -7.36 10.54
C LYS A 226 -8.90 -8.07 9.33
N LEU A 227 -8.94 -7.39 8.21
CA LEU A 227 -9.47 -7.98 6.99
C LEU A 227 -8.38 -8.78 6.30
N GLN A 228 -7.21 -8.18 6.14
CA GLN A 228 -6.08 -8.81 5.47
C GLN A 228 -5.59 -10.06 6.19
N GLU A 229 -5.43 -9.95 7.50
CA GLU A 229 -4.91 -11.06 8.27
C GLU A 229 -5.93 -11.76 9.18
N THR A 230 -6.90 -12.46 8.58
CA THR A 230 -7.91 -13.19 9.36
C THR A 230 -8.50 -14.34 8.56
N LEU A 231 -8.70 -14.13 7.26
CA LEU A 231 -9.30 -15.17 6.45
C LEU A 231 -8.26 -16.03 5.75
N SER A 232 -8.51 -17.34 5.77
CA SER A 232 -7.65 -18.31 5.12
C SER A 232 -8.38 -18.67 3.83
N SER A 233 -7.66 -19.20 2.86
CA SER A 233 -8.30 -19.55 1.61
C SER A 233 -8.51 -21.07 1.46
N THR A 234 -8.25 -21.79 2.55
CA THR A 234 -8.40 -23.24 2.55
C THR A 234 -9.49 -23.69 3.52
N GLU A 235 -9.97 -24.93 3.38
CA GLU A 235 -11.02 -25.48 4.25
C GLU A 235 -10.50 -25.84 5.63
N GLU A 236 -9.20 -26.11 5.74
CA GLU A 236 -8.59 -26.46 7.02
C GLU A 236 -7.09 -26.21 6.97
N ASP A 237 -6.41 -26.49 8.08
CA ASP A 237 -4.97 -26.29 8.15
C ASP A 237 -4.20 -27.32 7.33
N PRO A 238 -3.01 -26.95 6.83
CA PRO A 238 -2.37 -25.63 7.01
C PRO A 238 -3.11 -24.50 6.31
N SER A 239 -3.36 -23.43 7.04
CA SER A 239 -4.06 -22.27 6.52
C SER A 239 -3.16 -21.43 5.62
N GLU A 240 -3.74 -20.85 4.58
CA GLU A 240 -3.00 -20.01 3.66
C GLU A 240 -3.74 -18.70 3.48
N PRO A 241 -3.13 -17.60 3.92
CA PRO A 241 -3.65 -16.24 3.86
C PRO A 241 -4.40 -15.85 2.59
N LEU A 242 -5.69 -15.58 2.76
CA LEU A 242 -6.54 -15.16 1.67
C LEU A 242 -6.30 -13.65 1.61
N VAL A 243 -5.41 -13.26 0.71
CA VAL A 243 -5.04 -11.87 0.49
C VAL A 243 -4.77 -11.69 -1.00
N GLN A 244 -4.53 -10.44 -1.41
CA GLN A 244 -4.26 -10.15 -2.82
C GLN A 244 -5.36 -10.73 -3.70
N ASN A 245 -6.62 -10.49 -3.33
CA ASN A 245 -7.74 -11.05 -4.07
C ASN A 245 -8.39 -10.07 -5.03
N TYR A 246 -7.57 -9.34 -5.77
CA TYR A 246 -8.07 -8.38 -6.74
C TYR A 246 -7.53 -8.63 -8.14
N ARG A 247 -8.37 -8.43 -9.15
CA ARG A 247 -7.97 -8.62 -10.53
C ARG A 247 -7.29 -7.33 -10.97
N VAL A 248 -6.33 -7.46 -11.87
CA VAL A 248 -5.59 -6.32 -12.40
C VAL A 248 -6.40 -5.52 -13.40
N PRO A 249 -6.08 -4.22 -13.56
CA PRO A 249 -6.83 -3.41 -14.53
C PRO A 249 -6.75 -4.08 -15.90
N GLN A 250 -7.87 -4.07 -16.61
CA GLN A 250 -7.98 -4.68 -17.93
C GLN A 250 -7.93 -3.63 -19.03
N PRO A 251 -7.68 -4.08 -20.27
CA PRO A 251 -7.59 -3.18 -21.43
C PRO A 251 -8.92 -2.46 -21.64
N LEU A 252 -8.84 -1.17 -21.92
CA LEU A 252 -10.03 -0.36 -22.11
C LEU A 252 -10.69 -0.64 -23.45
N ASN A 253 -9.92 -1.15 -24.40
CA ASN A 253 -10.42 -1.47 -25.73
C ASN A 253 -11.37 -0.42 -26.28
N GLN A 254 -10.94 0.84 -26.18
CA GLN A 254 -11.69 1.97 -26.70
C GLN A 254 -13.14 2.09 -26.25
N ARG A 255 -13.40 1.86 -24.96
CA ARG A 255 -14.77 2.00 -24.45
C ARG A 255 -14.86 3.39 -23.85
N THR A 256 -16.00 4.04 -23.99
CA THR A 256 -16.15 5.36 -23.44
C THR A 256 -16.57 5.25 -21.98
N ILE A 257 -16.00 6.13 -21.17
CA ILE A 257 -16.32 6.14 -19.75
C ILE A 257 -16.93 7.50 -19.40
N PHE A 258 -18.15 7.47 -18.88
CA PHE A 258 -18.86 8.68 -18.54
C PHE A 258 -18.72 8.96 -17.07
N ALA A 259 -18.91 10.23 -16.73
CA ALA A 259 -18.86 10.68 -15.35
C ALA A 259 -20.08 11.57 -15.19
N SER A 260 -20.66 11.53 -14.01
CA SER A 260 -21.82 12.35 -13.71
C SER A 260 -21.37 13.76 -13.33
N PHE A 261 -20.07 14.00 -13.19
CA PHE A 261 -19.60 15.32 -12.79
C PHE A 261 -18.56 15.99 -13.68
N TRP B 5 6.48 -4.28 -7.24
CA TRP B 5 7.65 -3.48 -7.72
C TRP B 5 9.00 -3.88 -7.11
N THR B 6 10.06 -3.67 -7.87
CA THR B 6 11.40 -4.00 -7.41
C THR B 6 12.32 -2.83 -7.70
N TYR B 7 13.58 -2.95 -7.32
CA TYR B 7 14.52 -1.88 -7.62
C TYR B 7 14.95 -2.16 -9.05
N GLU B 8 14.90 -3.42 -9.45
CA GLU B 8 15.27 -3.76 -10.82
C GLU B 8 14.36 -4.80 -11.47
N GLY B 9 14.60 -5.06 -12.75
CA GLY B 9 13.78 -6.01 -13.48
C GLY B 9 12.67 -5.36 -14.27
N PRO B 10 11.59 -6.11 -14.55
CA PRO B 10 10.44 -5.60 -15.30
C PRO B 10 9.77 -4.46 -14.56
N HIS B 11 9.71 -4.58 -13.23
CA HIS B 11 9.11 -3.56 -12.38
C HIS B 11 10.15 -2.80 -11.56
N GLY B 12 11.31 -2.55 -12.17
CA GLY B 12 12.37 -1.82 -11.50
C GLY B 12 12.08 -0.35 -11.35
N GLN B 13 12.96 0.35 -10.63
CA GLN B 13 12.80 1.78 -10.39
C GLN B 13 12.62 2.62 -11.64
N ASP B 14 12.86 2.02 -12.80
CA ASP B 14 12.70 2.75 -14.06
C ASP B 14 11.24 2.92 -14.40
N HIS B 15 10.45 1.87 -14.17
CA HIS B 15 9.02 1.88 -14.47
C HIS B 15 8.14 2.47 -13.39
N TRP B 16 8.65 2.54 -12.17
CA TRP B 16 7.88 3.07 -11.04
C TRP B 16 6.93 4.21 -11.42
N PRO B 17 7.43 5.22 -12.14
CA PRO B 17 6.62 6.37 -12.56
C PRO B 17 5.32 6.00 -13.26
N THR B 18 5.27 4.78 -13.80
CA THR B 18 4.08 4.31 -14.47
C THR B 18 2.98 3.95 -13.47
N SER B 19 3.26 2.96 -12.62
CA SER B 19 2.28 2.53 -11.60
C SER B 19 2.10 3.54 -10.47
N TYR B 20 3.12 4.36 -10.23
CA TYR B 20 3.04 5.39 -9.18
C TYR B 20 3.55 6.70 -9.79
N PRO B 21 2.66 7.44 -10.45
CA PRO B 21 2.97 8.72 -11.09
C PRO B 21 3.91 9.59 -10.28
N GLU B 22 3.59 9.73 -8.99
CA GLU B 22 4.37 10.53 -8.05
C GLU B 22 5.89 10.30 -8.16
N CYS B 23 6.29 9.07 -8.48
CA CYS B 23 7.71 8.69 -8.61
C CYS B 23 8.41 9.44 -9.73
N GLY B 24 7.62 10.08 -10.57
CA GLY B 24 8.17 10.85 -11.65
C GLY B 24 8.10 12.32 -11.29
N GLY B 25 7.94 12.60 -10.00
CA GLY B 25 7.84 13.99 -9.54
C GLY B 25 9.03 14.90 -9.86
N ASP B 26 8.86 16.18 -9.55
CA ASP B 26 9.91 17.17 -9.81
C ASP B 26 10.90 17.29 -8.66
N ALA B 27 10.71 16.53 -7.60
CA ALA B 27 11.59 16.60 -6.44
C ALA B 27 11.82 15.24 -5.79
N GLN B 28 12.30 14.28 -6.57
CA GLN B 28 12.55 12.93 -6.07
C GLN B 28 13.86 12.84 -5.32
N SER B 29 14.04 11.71 -4.63
CA SER B 29 15.26 11.43 -3.88
C SER B 29 15.61 9.97 -4.15
N PRO B 30 16.86 9.56 -3.92
CA PRO B 30 17.99 10.35 -3.41
C PRO B 30 18.59 11.21 -4.52
N ILE B 31 19.67 11.92 -4.20
CA ILE B 31 20.33 12.78 -5.17
C ILE B 31 21.84 12.72 -5.00
N ASN B 32 22.54 13.24 -6.00
CA ASN B 32 23.99 13.29 -5.95
C ASN B 32 24.30 14.66 -5.40
N ILE B 33 24.75 14.75 -4.16
CA ILE B 33 25.05 16.04 -3.57
C ILE B 33 26.40 16.59 -4.01
N GLN B 34 26.37 17.57 -4.91
CA GLN B 34 27.59 18.20 -5.40
C GLN B 34 27.93 19.37 -4.46
N THR B 35 28.96 19.19 -3.64
CA THR B 35 29.35 20.20 -2.66
C THR B 35 29.73 21.56 -3.19
N ASP B 36 30.00 21.66 -4.50
CA ASP B 36 30.37 22.95 -5.05
C ASP B 36 29.11 23.80 -5.25
N SER B 37 27.98 23.15 -5.41
CA SER B 37 26.72 23.86 -5.61
C SER B 37 26.03 24.12 -4.28
N VAL B 38 26.57 23.53 -3.22
CA VAL B 38 25.97 23.65 -1.89
C VAL B 38 26.03 25.05 -1.29
N ILE B 39 24.88 25.54 -0.83
CA ILE B 39 24.79 26.87 -0.25
C ILE B 39 24.82 26.88 1.27
N PHE B 40 25.83 27.53 1.81
CA PHE B 40 26.01 27.62 3.26
C PHE B 40 24.93 28.43 3.95
N ASP B 41 24.36 27.90 5.03
CA ASP B 41 23.34 28.62 5.76
C ASP B 41 23.66 28.62 7.24
N PRO B 42 24.38 29.64 7.70
CA PRO B 42 24.79 29.82 9.10
C PRO B 42 23.65 29.80 10.08
N ASP B 43 22.43 29.88 9.56
CA ASP B 43 21.27 29.88 10.44
C ASP B 43 20.62 28.52 10.64
N LEU B 44 21.06 27.53 9.87
CA LEU B 44 20.52 26.19 10.02
C LEU B 44 20.82 25.66 11.42
N PRO B 45 19.78 25.54 12.27
CA PRO B 45 19.95 25.03 13.64
C PRO B 45 20.42 23.59 13.67
N ALA B 46 21.24 23.27 14.66
CA ALA B 46 21.79 21.92 14.80
C ALA B 46 20.69 20.89 14.94
N VAL B 47 20.85 19.79 14.20
CA VAL B 47 19.90 18.70 14.27
C VAL B 47 20.18 18.05 15.63
N GLN B 48 19.15 17.80 16.42
CA GLN B 48 19.36 17.18 17.71
C GLN B 48 18.33 16.15 18.12
N PRO B 49 18.73 14.87 18.14
CA PRO B 49 17.87 13.74 18.51
C PRO B 49 17.73 13.67 20.03
N HIS B 50 16.57 14.05 20.54
CA HIS B 50 16.35 14.02 21.98
C HIS B 50 16.16 12.62 22.55
N GLY B 51 17.16 12.18 23.32
CA GLY B 51 17.12 10.88 23.95
C GLY B 51 16.93 9.71 23.01
N TYR B 52 17.85 9.55 22.09
CA TYR B 52 17.78 8.44 21.13
C TYR B 52 18.57 7.25 21.65
N ASP B 53 18.93 7.33 22.91
CA ASP B 53 19.66 6.27 23.59
C ASP B 53 18.71 5.76 24.66
N GLN B 54 17.53 6.36 24.71
CA GLN B 54 16.45 6.04 25.65
C GLN B 54 15.27 5.43 24.91
N LEU B 55 15.39 4.17 24.51
CA LEU B 55 14.29 3.54 23.80
C LEU B 55 13.35 2.78 24.72
N GLY B 56 13.51 2.99 26.02
CA GLY B 56 12.64 2.34 26.98
C GLY B 56 12.92 0.88 27.33
N THR B 57 11.84 0.16 27.59
CA THR B 57 11.96 -1.24 27.99
C THR B 57 11.41 -2.26 27.00
N GLU B 58 10.27 -1.94 26.38
CA GLU B 58 9.66 -2.88 25.46
C GLU B 58 10.50 -3.18 24.21
N PRO B 59 10.48 -4.45 23.77
CA PRO B 59 11.20 -4.96 22.60
C PRO B 59 10.88 -4.14 21.35
N LEU B 60 11.85 -3.99 20.47
CA LEU B 60 11.63 -3.24 19.24
C LEU B 60 11.37 -4.26 18.12
N ASP B 61 10.52 -3.89 17.16
CA ASP B 61 10.19 -4.79 16.07
C ASP B 61 11.16 -4.77 14.90
N LEU B 62 11.77 -5.91 14.63
CA LEU B 62 12.70 -6.04 13.52
C LEU B 62 12.01 -6.86 12.44
N HIS B 63 11.71 -6.21 11.30
CA HIS B 63 10.99 -6.84 10.21
C HIS B 63 11.79 -6.97 8.91
N ASN B 64 11.30 -7.79 8.00
CA ASN B 64 11.93 -7.99 6.70
C ASN B 64 10.84 -7.75 5.66
N ASN B 65 10.93 -6.62 4.94
CA ASN B 65 9.97 -6.26 3.91
C ASN B 65 10.04 -7.27 2.79
N GLY B 66 11.20 -7.25 2.16
CA GLY B 66 11.50 -8.10 1.02
C GLY B 66 12.30 -7.08 0.25
N HIS B 67 12.20 -5.83 0.72
CA HIS B 67 12.90 -4.69 0.16
C HIS B 67 13.96 -4.18 1.13
N THR B 68 13.82 -4.51 2.41
CA THR B 68 14.79 -4.07 3.42
C THR B 68 14.54 -4.67 4.79
N VAL B 69 15.37 -4.25 5.75
CA VAL B 69 15.25 -4.67 7.15
C VAL B 69 14.82 -3.37 7.85
N GLN B 70 13.68 -3.42 8.52
CA GLN B 70 13.14 -2.23 9.17
C GLN B 70 13.00 -2.44 10.66
N LEU B 71 13.31 -1.41 11.44
CA LEU B 71 13.24 -1.51 12.88
C LEU B 71 12.28 -0.48 13.46
N SER B 72 11.40 -0.90 14.34
CA SER B 72 10.45 0.02 14.93
C SER B 72 11.08 0.92 15.99
N LEU B 73 10.49 2.09 16.18
CA LEU B 73 11.00 3.04 17.15
C LEU B 73 9.90 3.61 18.04
N PRO B 74 10.20 3.86 19.31
CA PRO B 74 9.24 4.40 20.27
C PRO B 74 8.82 5.82 19.91
N PRO B 75 7.57 6.20 20.22
CA PRO B 75 7.08 7.55 19.93
C PRO B 75 7.72 8.58 20.83
N THR B 76 8.60 8.11 21.71
CA THR B 76 9.28 8.99 22.64
C THR B 76 10.51 9.67 22.05
N LEU B 77 10.95 9.22 20.89
CA LEU B 77 12.11 9.84 20.24
C LEU B 77 11.63 11.10 19.53
N HIS B 78 12.11 12.26 19.98
CA HIS B 78 11.70 13.53 19.39
C HIS B 78 12.86 14.26 18.72
N LEU B 79 12.71 14.50 17.41
CA LEU B 79 13.73 15.18 16.63
C LEU B 79 13.54 16.69 16.61
N GLY B 80 14.48 17.40 17.22
CA GLY B 80 14.39 18.85 17.26
C GLY B 80 15.40 19.51 16.35
N GLY B 81 15.27 20.81 16.15
CA GLY B 81 16.20 21.53 15.29
C GLY B 81 15.64 21.74 13.91
N LEU B 82 14.38 21.34 13.72
CA LEU B 82 13.70 21.47 12.44
C LEU B 82 12.52 22.43 12.55
N PRO B 83 11.97 22.86 11.41
CA PRO B 83 10.83 23.79 11.33
C PRO B 83 9.62 23.37 12.15
N ARG B 84 9.35 22.07 12.15
CA ARG B 84 8.23 21.52 12.91
C ARG B 84 8.79 20.47 13.86
N LYS B 85 7.97 19.98 14.77
CA LYS B 85 8.42 18.97 15.72
C LYS B 85 8.16 17.60 15.16
N TYR B 86 9.24 16.84 14.97
CA TYR B 86 9.11 15.51 14.42
C TYR B 86 9.35 14.39 15.42
N THR B 87 8.71 13.25 15.17
CA THR B 87 8.83 12.09 16.02
C THR B 87 9.31 10.92 15.19
N ALA B 88 10.24 10.16 15.74
CA ALA B 88 10.80 9.01 15.04
C ALA B 88 9.72 7.94 14.93
N ALA B 89 9.70 7.27 13.79
CA ALA B 89 8.72 6.21 13.57
C ALA B 89 9.43 4.88 13.34
N GLN B 90 10.28 4.84 12.32
CA GLN B 90 11.00 3.64 11.96
C GLN B 90 12.38 3.96 11.38
N LEU B 91 13.13 2.91 11.10
CA LEU B 91 14.46 3.05 10.55
C LEU B 91 14.78 1.80 9.72
N HIS B 92 15.49 1.98 8.61
CA HIS B 92 15.85 0.84 7.78
C HIS B 92 17.15 1.11 7.07
N LEU B 93 17.61 0.12 6.30
CA LEU B 93 18.88 0.21 5.59
C LEU B 93 18.84 -0.07 4.09
N HIS B 94 19.91 0.35 3.42
CA HIS B 94 20.08 0.14 2.00
C HIS B 94 21.52 -0.30 1.82
N TRP B 95 21.75 -1.22 0.89
CA TRP B 95 23.09 -1.74 0.67
C TRP B 95 23.21 -2.35 -0.72
N GLY B 96 24.43 -2.66 -1.12
CA GLY B 96 24.63 -3.26 -2.44
C GLY B 96 24.73 -4.77 -2.39
N GLN B 97 25.07 -5.38 -3.52
CA GLN B 97 25.22 -6.83 -3.60
C GLN B 97 26.62 -7.19 -3.12
N ARG B 98 26.82 -8.46 -2.76
CA ARG B 98 28.11 -8.93 -2.28
C ARG B 98 29.30 -8.28 -2.98
N GLY B 99 29.39 -8.50 -4.30
CA GLY B 99 30.50 -7.98 -5.08
C GLY B 99 30.89 -6.51 -5.00
N SER B 100 29.91 -5.61 -5.10
CA SER B 100 30.17 -4.18 -5.07
C SER B 100 30.36 -3.58 -3.68
N LEU B 101 30.85 -2.35 -3.67
CA LEU B 101 31.06 -1.64 -2.43
C LEU B 101 30.35 -0.28 -2.54
N GLU B 102 29.27 -0.29 -3.30
CA GLU B 102 28.44 0.90 -3.50
C GLU B 102 27.02 0.45 -3.26
N GLY B 103 26.48 0.86 -2.13
CA GLY B 103 25.13 0.47 -1.79
C GLY B 103 24.31 1.54 -1.11
N SER B 104 24.81 2.77 -1.08
CA SER B 104 24.07 3.86 -0.47
C SER B 104 23.11 4.44 -1.52
N GLU B 105 22.24 5.34 -1.09
CA GLU B 105 21.31 5.96 -2.02
C GLU B 105 21.82 7.34 -2.41
N HIS B 106 22.13 8.16 -1.41
CA HIS B 106 22.66 9.48 -1.66
C HIS B 106 24.15 9.35 -2.04
N HIS B 107 24.64 10.31 -2.83
CA HIS B 107 26.05 10.37 -3.25
C HIS B 107 26.60 11.71 -2.78
N ILE B 108 27.92 11.79 -2.73
CA ILE B 108 28.57 13.05 -2.41
C ILE B 108 29.62 13.23 -3.49
N ASN B 109 29.43 14.23 -4.33
CA ASN B 109 30.35 14.51 -5.42
C ASN B 109 30.58 13.22 -6.22
N SER B 110 29.47 12.64 -6.63
CA SER B 110 29.43 11.43 -7.45
C SER B 110 29.90 10.16 -6.78
N GLU B 111 30.19 10.22 -5.49
CA GLU B 111 30.64 9.01 -4.81
C GLU B 111 29.62 8.44 -3.82
N ALA B 112 29.33 7.15 -3.96
CA ALA B 112 28.40 6.48 -3.07
C ALA B 112 29.18 5.65 -2.07
N THR B 113 28.55 5.32 -0.95
CA THR B 113 29.23 4.51 0.07
C THR B 113 28.67 3.09 0.07
N ALA B 114 29.20 2.27 0.97
CA ALA B 114 28.78 0.88 1.10
C ALA B 114 27.31 0.66 1.48
N ALA B 115 26.76 1.57 2.30
CA ALA B 115 25.36 1.45 2.71
C ALA B 115 24.82 2.76 3.26
N GLU B 116 23.50 2.80 3.47
CA GLU B 116 22.87 3.99 4.01
C GLU B 116 21.79 3.63 5.02
N LEU B 117 21.74 4.42 6.09
CA LEU B 117 20.78 4.26 7.17
C LEU B 117 19.78 5.37 7.03
N HIS B 118 18.51 5.04 7.20
CA HIS B 118 17.45 6.04 7.12
C HIS B 118 16.59 6.03 8.36
N VAL B 119 16.49 7.18 9.03
CA VAL B 119 15.67 7.29 10.22
C VAL B 119 14.48 8.16 9.85
N VAL B 120 13.30 7.55 9.82
CA VAL B 120 12.08 8.25 9.43
C VAL B 120 11.27 8.87 10.57
N HIS B 121 10.96 10.15 10.42
CA HIS B 121 10.19 10.87 11.42
C HIS B 121 8.94 11.46 10.77
N TYR B 122 7.99 11.93 11.59
CA TYR B 122 6.80 12.56 11.05
C TYR B 122 6.35 13.71 11.94
N ASP B 123 5.71 14.70 11.31
CA ASP B 123 5.25 15.88 12.01
C ASP B 123 4.14 15.59 13.00
N SER B 124 4.55 15.16 14.19
CA SER B 124 3.62 14.84 15.27
C SER B 124 2.75 16.05 15.54
N GLN B 125 3.39 17.22 15.46
CA GLN B 125 2.73 18.50 15.67
C GLN B 125 1.38 18.59 14.93
N SER B 126 1.24 17.82 13.86
CA SER B 126 0.01 17.84 13.07
C SER B 126 -0.60 16.49 12.70
N TYR B 127 -0.03 15.38 13.15
CA TYR B 127 -0.64 14.12 12.76
C TYR B 127 -0.62 13.01 13.80
N SER B 128 -1.45 12.01 13.54
CA SER B 128 -1.57 10.86 14.41
C SER B 128 -0.50 9.86 14.05
N SER B 129 -0.53 9.38 12.82
CA SER B 129 0.44 8.38 12.39
C SER B 129 1.44 8.80 11.31
N LEU B 130 2.37 7.90 11.03
CA LEU B 130 3.40 8.13 10.02
C LEU B 130 2.68 8.11 8.68
N SER B 131 1.70 7.22 8.56
CA SER B 131 0.93 7.09 7.33
C SER B 131 0.07 8.31 7.11
N GLU B 132 -0.36 8.93 8.20
CA GLU B 132 -1.20 10.10 8.10
C GLU B 132 -0.44 11.35 7.63
N ALA B 133 0.88 11.39 7.82
CA ALA B 133 1.67 12.55 7.42
C ALA B 133 2.51 12.39 6.14
N ALA B 134 2.59 11.17 5.65
CA ALA B 134 3.37 10.82 4.46
C ALA B 134 2.99 11.49 3.14
N GLN B 135 1.82 12.12 3.09
CA GLN B 135 1.39 12.79 1.86
C GLN B 135 1.11 14.27 2.08
N LYS B 136 1.59 14.79 3.20
CA LYS B 136 1.40 16.18 3.54
C LYS B 136 2.72 16.88 3.31
N PRO B 137 2.67 18.12 2.82
CA PRO B 137 3.93 18.84 2.58
C PRO B 137 4.73 18.90 3.89
N GLN B 138 6.02 18.65 3.80
CA GLN B 138 6.87 18.70 4.98
C GLN B 138 6.35 17.77 6.09
N GLY B 139 5.55 16.79 5.68
CA GLY B 139 4.98 15.85 6.64
C GLY B 139 5.97 14.87 7.23
N LEU B 140 6.96 14.50 6.44
CA LEU B 140 7.99 13.58 6.90
C LEU B 140 9.34 14.26 6.96
N ALA B 141 10.24 13.68 7.75
CA ALA B 141 11.61 14.16 7.92
C ALA B 141 12.46 12.92 8.08
N VAL B 142 13.46 12.79 7.23
CA VAL B 142 14.33 11.63 7.30
C VAL B 142 15.78 12.05 7.50
N LEU B 143 16.47 11.30 8.36
CA LEU B 143 17.88 11.52 8.62
C LEU B 143 18.61 10.43 7.84
N GLY B 144 19.56 10.84 7.01
CA GLY B 144 20.31 9.90 6.22
C GLY B 144 21.76 9.76 6.68
N ILE B 145 22.13 8.56 7.11
CA ILE B 145 23.49 8.32 7.55
C ILE B 145 24.17 7.41 6.56
N LEU B 146 25.27 7.90 5.97
CA LEU B 146 26.04 7.11 5.02
C LEU B 146 26.98 6.18 5.79
N ILE B 147 27.10 4.95 5.31
CA ILE B 147 27.93 3.96 5.97
C ILE B 147 29.10 3.49 5.11
N GLU B 148 30.28 3.49 5.72
CA GLU B 148 31.50 3.04 5.07
C GLU B 148 32.00 1.80 5.80
N VAL B 149 32.90 1.06 5.17
CA VAL B 149 33.47 -0.13 5.81
C VAL B 149 34.68 0.25 6.66
N GLY B 150 34.59 0.02 7.95
CA GLY B 150 35.67 0.34 8.85
C GLY B 150 36.56 -0.84 9.14
N GLU B 151 37.64 -0.59 9.87
CA GLU B 151 38.57 -1.64 10.22
C GLU B 151 38.21 -2.23 11.55
N THR B 152 37.01 -1.94 12.02
CA THR B 152 36.59 -2.46 13.31
C THR B 152 35.11 -2.82 13.37
N GLU B 153 34.76 -3.76 14.24
CA GLU B 153 33.38 -4.19 14.40
C GLU B 153 32.60 -3.06 15.08
N ASN B 154 31.44 -2.70 14.52
CA ASN B 154 30.63 -1.66 15.15
C ASN B 154 29.56 -2.29 16.04
N PRO B 155 29.76 -2.21 17.35
CA PRO B 155 28.83 -2.77 18.33
C PRO B 155 27.41 -2.21 18.23
N ALA B 156 27.28 -0.97 17.78
CA ALA B 156 25.97 -0.36 17.65
C ALA B 156 25.18 -1.17 16.62
N TYR B 157 25.68 -1.19 15.39
CA TYR B 157 25.01 -1.91 14.33
C TYR B 157 24.78 -3.38 14.57
N ASP B 158 25.51 -3.99 15.51
CA ASP B 158 25.28 -5.41 15.76
C ASP B 158 23.93 -5.64 16.40
N HIS B 159 23.41 -4.66 17.13
CA HIS B 159 22.11 -4.84 17.75
C HIS B 159 21.11 -5.26 16.68
N ILE B 160 21.42 -4.93 15.43
CA ILE B 160 20.55 -5.28 14.32
C ILE B 160 21.10 -6.46 13.53
N LEU B 161 22.36 -6.37 13.11
CA LEU B 161 23.00 -7.41 12.33
C LEU B 161 23.08 -8.80 12.98
N SER B 162 23.33 -8.84 14.28
CA SER B 162 23.42 -10.10 15.00
C SER B 162 22.13 -10.92 14.97
N ARG B 163 21.03 -10.27 14.63
CA ARG B 163 19.74 -10.96 14.59
C ARG B 163 19.16 -11.09 13.21
N LEU B 164 19.98 -10.92 12.18
CA LEU B 164 19.44 -11.02 10.84
C LEU B 164 18.94 -12.41 10.42
N HIS B 165 19.49 -13.48 11.03
CA HIS B 165 19.06 -14.84 10.68
C HIS B 165 17.63 -15.13 11.10
N GLU B 166 17.18 -14.47 12.16
CA GLU B 166 15.82 -14.68 12.65
C GLU B 166 14.76 -14.20 11.65
N ILE B 167 15.14 -13.34 10.72
CA ILE B 167 14.18 -12.86 9.72
C ILE B 167 14.75 -12.97 8.31
N ARG B 168 15.38 -14.10 8.03
CA ARG B 168 15.99 -14.35 6.73
C ARG B 168 15.00 -14.19 5.58
N TYR B 169 13.81 -14.72 5.75
CA TYR B 169 12.83 -14.62 4.69
C TYR B 169 11.93 -13.41 4.82
N LYS B 170 11.35 -13.01 3.69
CA LYS B 170 10.44 -11.89 3.65
C LYS B 170 9.30 -12.06 4.65
N ASP B 171 8.73 -10.96 5.09
CA ASP B 171 7.63 -10.97 6.04
C ASP B 171 7.93 -11.58 7.40
N GLN B 172 9.11 -12.18 7.56
CA GLN B 172 9.48 -12.74 8.85
C GLN B 172 9.70 -11.58 9.81
N LYS B 173 9.29 -11.74 11.06
CA LYS B 173 9.42 -10.68 12.04
C LYS B 173 10.18 -11.17 13.28
N THR B 174 10.50 -10.25 14.19
CA THR B 174 11.20 -10.60 15.43
C THR B 174 11.32 -9.38 16.31
N SER B 175 11.75 -9.57 17.56
CA SER B 175 11.92 -8.49 18.53
C SER B 175 13.35 -8.46 19.05
N VAL B 176 13.85 -7.27 19.34
CA VAL B 176 15.22 -7.12 19.83
C VAL B 176 15.18 -6.27 21.08
N PRO B 177 16.19 -6.42 21.95
CA PRO B 177 16.23 -5.64 23.19
C PRO B 177 16.52 -4.21 22.76
N PRO B 178 15.73 -3.24 23.25
CA PRO B 178 15.96 -1.85 22.86
C PRO B 178 17.41 -1.44 23.09
N PHE B 179 17.91 -0.53 22.26
CA PHE B 179 19.28 -0.07 22.37
C PHE B 179 19.44 1.36 21.86
N SER B 180 20.54 1.99 22.22
CA SER B 180 20.79 3.35 21.81
C SER B 180 20.91 3.51 20.30
N VAL B 181 19.86 4.08 19.70
CA VAL B 181 19.80 4.33 18.28
C VAL B 181 20.88 5.35 17.94
N ARG B 182 21.00 6.35 18.82
CA ARG B 182 21.97 7.41 18.68
C ARG B 182 23.34 6.89 18.24
N GLU B 183 23.74 5.77 18.81
CA GLU B 183 25.02 5.15 18.49
C GLU B 183 25.17 4.70 17.05
N LEU B 184 24.09 4.75 16.27
CA LEU B 184 24.19 4.34 14.88
C LEU B 184 24.53 5.51 13.96
N PHE B 185 24.58 6.72 14.50
CA PHE B 185 24.88 7.92 13.71
C PHE B 185 26.36 8.27 13.83
N PRO B 186 26.90 9.04 12.86
CA PRO B 186 28.31 9.38 13.03
C PRO B 186 28.38 10.20 14.32
N GLN B 187 29.55 10.21 14.97
CA GLN B 187 29.69 10.95 16.23
C GLN B 187 29.47 12.45 16.15
N GLN B 188 29.91 13.09 15.07
CA GLN B 188 29.74 14.53 14.88
C GLN B 188 28.65 14.90 13.88
N LEU B 189 27.54 15.44 14.40
CA LEU B 189 26.40 15.81 13.55
C LEU B 189 26.31 17.29 13.15
N GLU B 190 27.38 18.06 13.39
CA GLU B 190 27.35 19.49 13.04
C GLU B 190 27.21 19.68 11.55
N GLN B 191 28.02 18.94 10.80
CA GLN B 191 28.03 19.05 9.36
C GLN B 191 26.97 18.19 8.69
N PHE B 192 26.07 18.83 7.96
CA PHE B 192 25.02 18.12 7.24
C PHE B 192 24.47 18.95 6.08
N PHE B 193 23.72 18.30 5.21
CA PHE B 193 23.10 18.97 4.07
C PHE B 193 21.58 18.83 4.25
N ARG B 194 20.81 19.85 3.88
CA ARG B 194 19.35 19.76 3.97
C ARG B 194 18.72 20.13 2.64
N TYR B 195 17.57 19.54 2.35
CA TYR B 195 16.89 19.82 1.08
C TYR B 195 15.52 19.13 1.04
N ASN B 196 14.61 19.60 0.18
CA ASN B 196 13.28 19.00 0.04
C ASN B 196 13.30 17.87 -0.98
N GLY B 197 12.74 16.73 -0.60
CA GLY B 197 12.74 15.60 -1.49
C GLY B 197 11.51 14.73 -1.38
N SER B 198 11.70 13.44 -1.63
CA SER B 198 10.62 12.47 -1.58
C SER B 198 11.08 11.18 -0.89
N LEU B 199 10.19 10.19 -0.88
CA LEU B 199 10.52 8.90 -0.32
C LEU B 199 11.32 8.27 -1.48
N THR B 200 12.22 7.35 -1.17
CA THR B 200 13.06 6.70 -2.19
C THR B 200 12.49 5.41 -2.73
N THR B 201 11.22 5.14 -2.42
CA THR B 201 10.53 3.95 -2.88
C THR B 201 9.07 4.35 -3.14
N PRO B 202 8.38 3.65 -4.05
CA PRO B 202 6.99 4.00 -4.31
C PRO B 202 6.24 4.12 -2.99
N PRO B 203 5.23 5.01 -2.89
CA PRO B 203 4.68 5.94 -3.88
C PRO B 203 5.57 7.12 -4.25
N CYS B 204 6.70 7.25 -3.57
CA CYS B 204 7.64 8.34 -3.84
C CYS B 204 7.09 9.71 -3.44
N TYR B 205 6.18 9.71 -2.49
CA TYR B 205 5.58 10.94 -1.98
C TYR B 205 6.61 12.02 -1.74
N GLN B 206 6.41 13.19 -2.35
CA GLN B 206 7.33 14.29 -2.17
C GLN B 206 6.97 15.08 -0.93
N SER B 207 6.92 14.37 0.19
CA SER B 207 6.56 14.95 1.47
C SER B 207 7.68 15.05 2.48
N VAL B 208 8.88 14.59 2.13
CA VAL B 208 10.00 14.59 3.08
C VAL B 208 11.01 15.72 3.03
N LEU B 209 11.44 16.14 4.22
CA LEU B 209 12.45 17.17 4.40
C LEU B 209 13.72 16.41 4.77
N TRP B 210 14.62 16.26 3.80
CA TRP B 210 15.87 15.54 3.99
C TRP B 210 17.03 16.24 4.70
N THR B 211 17.78 15.43 5.44
CA THR B 211 18.96 15.86 6.16
C THR B 211 19.96 14.74 5.96
N VAL B 212 21.05 15.02 5.27
CA VAL B 212 22.08 14.00 5.05
C VAL B 212 23.35 14.45 5.73
N PHE B 213 23.82 13.64 6.68
CA PHE B 213 25.03 13.97 7.42
C PHE B 213 26.29 13.90 6.60
N ASN B 214 27.23 14.78 6.90
CA ASN B 214 28.50 14.85 6.19
C ASN B 214 29.48 13.79 6.68
N ARG B 215 29.48 13.55 7.99
CA ARG B 215 30.34 12.55 8.56
C ARG B 215 29.69 11.20 8.32
N ARG B 216 30.51 10.16 8.23
CA ARG B 216 29.97 8.82 7.98
C ARG B 216 30.13 7.86 9.17
N ALA B 217 29.30 6.81 9.16
CA ALA B 217 29.34 5.78 10.18
C ALA B 217 30.12 4.62 9.57
N GLN B 218 30.73 3.78 10.41
CA GLN B 218 31.52 2.67 9.86
C GLN B 218 31.21 1.31 10.46
N ILE B 219 31.31 0.28 9.62
CA ILE B 219 31.09 -1.09 10.06
C ILE B 219 32.16 -1.96 9.42
N SER B 220 32.50 -3.06 10.07
CA SER B 220 33.52 -3.97 9.57
C SER B 220 33.07 -4.60 8.25
N MET B 221 34.02 -5.04 7.44
CA MET B 221 33.69 -5.69 6.17
C MET B 221 32.87 -6.92 6.52
N GLY B 222 33.08 -7.44 7.71
CA GLY B 222 32.34 -8.62 8.14
C GLY B 222 30.88 -8.28 8.31
N GLN B 223 30.60 -7.14 8.92
CA GLN B 223 29.23 -6.70 9.13
C GLN B 223 28.55 -6.40 7.79
N LEU B 224 29.24 -5.66 6.93
CA LEU B 224 28.68 -5.34 5.63
C LEU B 224 28.34 -6.63 4.89
N GLU B 225 29.15 -7.67 5.08
CA GLU B 225 28.91 -8.94 4.42
C GLU B 225 27.69 -9.63 5.03
N LYS B 226 27.63 -9.64 6.36
CA LYS B 226 26.51 -10.26 7.05
C LYS B 226 25.18 -9.62 6.66
N LEU B 227 25.24 -8.38 6.18
CA LEU B 227 24.03 -7.70 5.77
C LEU B 227 23.68 -8.08 4.34
N GLN B 228 24.66 -8.01 3.46
CA GLN B 228 24.48 -8.34 2.04
C GLN B 228 24.06 -9.77 1.81
N GLU B 229 24.74 -10.71 2.48
CA GLU B 229 24.46 -12.12 2.29
C GLU B 229 23.77 -12.81 3.46
N THR B 230 22.52 -12.44 3.73
CA THR B 230 21.76 -13.06 4.82
C THR B 230 20.26 -13.00 4.58
N LEU B 231 19.80 -11.87 4.05
CA LEU B 231 18.38 -11.70 3.80
C LEU B 231 17.95 -12.10 2.42
N SER B 232 16.83 -12.82 2.35
CA SER B 232 16.25 -13.25 1.08
C SER B 232 15.11 -12.29 0.83
N SER B 233 14.67 -12.17 -0.41
CA SER B 233 13.57 -11.26 -0.71
C SER B 233 12.24 -11.99 -0.94
N THR B 234 12.24 -13.30 -0.68
CA THR B 234 11.06 -14.13 -0.86
C THR B 234 10.56 -14.69 0.47
N GLU B 235 9.31 -15.17 0.49
CA GLU B 235 8.71 -15.74 1.71
C GLU B 235 9.25 -17.13 2.03
N GLU B 236 9.73 -17.83 1.00
CA GLU B 236 10.26 -19.18 1.19
C GLU B 236 11.19 -19.54 0.04
N ASP B 237 11.75 -20.74 0.09
CA ASP B 237 12.66 -21.19 -0.96
C ASP B 237 11.92 -21.49 -2.26
N PRO B 238 12.59 -21.34 -3.42
CA PRO B 238 13.99 -20.92 -3.53
C PRO B 238 14.22 -19.46 -3.12
N SER B 239 15.22 -19.26 -2.27
CA SER B 239 15.56 -17.92 -1.78
C SER B 239 16.31 -17.11 -2.83
N GLU B 240 16.03 -15.81 -2.86
CA GLU B 240 16.69 -14.92 -3.79
C GLU B 240 17.25 -13.73 -3.03
N PRO B 241 18.58 -13.60 -3.03
CA PRO B 241 19.34 -12.55 -2.37
C PRO B 241 18.76 -11.14 -2.43
N LEU B 242 18.38 -10.64 -1.26
CA LEU B 242 17.85 -9.29 -1.14
C LEU B 242 19.11 -8.42 -1.02
N VAL B 243 19.50 -7.87 -2.17
CA VAL B 243 20.67 -7.02 -2.29
C VAL B 243 20.34 -5.95 -3.32
N GLN B 244 21.26 -5.00 -3.50
CA GLN B 244 21.06 -3.91 -4.47
C GLN B 244 19.70 -3.25 -4.23
N ASN B 245 19.40 -2.91 -2.99
CA ASN B 245 18.12 -2.31 -2.64
C ASN B 245 18.17 -0.79 -2.47
N TYR B 246 18.84 -0.12 -3.39
CA TYR B 246 18.95 1.34 -3.34
C TYR B 246 18.46 1.97 -4.64
N ARG B 247 17.80 3.11 -4.51
CA ARG B 247 17.31 3.84 -5.69
C ARG B 247 18.48 4.69 -6.19
N VAL B 248 18.50 4.90 -7.50
CA VAL B 248 19.55 5.69 -8.15
C VAL B 248 19.35 7.19 -7.92
N PRO B 249 20.43 7.97 -8.00
CA PRO B 249 20.29 9.42 -7.79
C PRO B 249 19.27 9.96 -8.79
N GLN B 250 18.43 10.87 -8.32
CA GLN B 250 17.38 11.47 -9.14
C GLN B 250 17.77 12.87 -9.58
N PRO B 251 17.07 13.41 -10.61
CA PRO B 251 17.32 14.74 -11.15
C PRO B 251 17.14 15.79 -10.09
N LEU B 252 18.06 16.74 -10.03
CA LEU B 252 18.01 17.80 -9.03
C LEU B 252 16.93 18.81 -9.33
N ASN B 253 16.56 18.91 -10.60
CA ASN B 253 15.53 19.84 -11.06
C ASN B 253 15.64 21.21 -10.40
N GLN B 254 16.86 21.74 -10.43
CA GLN B 254 17.14 23.06 -9.89
C GLN B 254 16.67 23.34 -8.46
N ARG B 255 16.89 22.39 -7.56
CA ARG B 255 16.52 22.59 -6.16
C ARG B 255 17.78 23.04 -5.45
N THR B 256 17.65 23.95 -4.50
CA THR B 256 18.82 24.40 -3.76
C THR B 256 19.11 23.46 -2.62
N ILE B 257 20.39 23.19 -2.40
CA ILE B 257 20.82 22.30 -1.34
C ILE B 257 21.69 23.10 -0.38
N PHE B 258 21.25 23.16 0.89
CA PHE B 258 21.98 23.89 1.90
C PHE B 258 22.86 22.97 2.69
N ALA B 259 23.89 23.55 3.31
CA ALA B 259 24.81 22.84 4.15
C ALA B 259 24.95 23.70 5.39
N SER B 260 25.10 23.05 6.54
CA SER B 260 25.26 23.74 7.80
C SER B 260 26.71 24.19 7.94
N PHE B 261 27.56 23.82 7.00
CA PHE B 261 28.96 24.19 7.10
C PHE B 261 29.60 24.79 5.83
C1 NAG C . -23.53 -0.04 -22.67
C2 NAG C . -23.70 1.47 -22.88
C3 NAG C . -25.02 1.78 -23.59
C4 NAG C . -25.16 0.97 -24.88
C5 NAG C . -24.99 -0.52 -24.52
C6 NAG C . -25.04 -1.41 -25.74
C7 NAG C . -22.67 2.94 -21.29
C8 NAG C . -22.96 4.44 -21.26
N2 NAG C . -23.68 2.14 -21.60
O3 NAG C . -25.06 3.18 -23.89
O4 NAG C . -26.47 1.19 -25.46
O5 NAG C . -23.70 -0.74 -23.92
O6 NAG C . -23.75 -1.53 -26.35
O7 NAG C . -21.53 2.53 -21.02
C1 NAG C . -26.57 2.00 -26.59
C2 NAG C . -27.93 1.76 -27.27
C3 NAG C . -28.13 2.73 -28.44
C4 NAG C . -27.97 4.17 -27.94
C5 NAG C . -26.59 4.32 -27.27
C6 NAG C . -26.38 5.70 -26.69
C7 NAG C . -28.97 -0.40 -27.27
C8 NAG C . -30.32 -0.38 -27.96
N2 NAG C . -28.03 0.39 -27.75
O3 NAG C . -29.44 2.56 -28.98
O4 NAG C . -28.08 5.07 -29.03
O5 NAG C . -26.47 3.37 -26.18
O6 NAG C . -26.61 5.72 -25.28
O7 NAG C . -28.79 -1.15 -26.30
C1 NAG D . 11.07 23.13 1.36
C2 NAG D . 11.88 24.33 1.82
C3 NAG D . 11.03 25.25 2.71
C4 NAG D . 9.68 25.61 2.06
C5 NAG D . 8.99 24.31 1.64
C6 NAG D . 7.68 24.59 0.92
C7 NAG D . 14.24 23.99 2.04
C8 NAG D . 15.16 24.99 2.72
N2 NAG D . 13.03 23.86 2.55
O3 NAG D . 11.75 26.43 3.00
O4 NAG D . 8.85 26.30 3.01
O5 NAG D . 9.84 23.54 0.74
O6 NAG D . 7.88 24.89 -0.45
O7 NAG D . 14.62 23.35 1.05
C1 NAG D . 8.75 27.69 2.94
C2 NAG D . 7.55 28.15 3.76
C3 NAG D . 7.48 29.67 3.83
C4 NAG D . 8.80 30.21 4.38
C5 NAG D . 9.94 29.71 3.50
C6 NAG D . 11.30 30.18 3.98
C7 NAG D . 5.59 26.78 3.91
C8 NAG D . 4.58 27.42 4.87
N2 NAG D . 6.32 27.61 3.19
O3 NAG D . 6.42 30.05 4.70
O4 NAG D . 8.79 31.66 4.39
O5 NAG D . 9.95 28.25 3.50
O6 NAG D . 11.97 29.16 4.71
O7 NAG D . 5.69 25.55 3.85
C1 BMA D . 9.05 32.29 5.61
C2 BMA D . 9.58 33.72 5.34
C3 BMA D . 9.59 34.59 6.60
C4 BMA D . 8.22 34.52 7.28
C5 BMA D . 7.90 33.05 7.60
C6 BMA D . 6.58 32.86 8.34
O2 BMA D . 8.80 34.35 4.34
O3 BMA D . 9.88 35.93 6.25
O4 BMA D . 8.21 35.29 8.46
O5 BMA D . 7.82 32.31 6.36
O6 BMA D . 5.55 32.51 7.40
C1 MAN D . 4.22 32.78 7.79
C2 MAN D . 4.06 34.18 8.40
C3 MAN D . 2.59 34.40 8.81
C4 MAN D . 1.69 33.24 8.33
C5 MAN D . 2.22 31.88 8.83
C6 MAN D . 1.62 30.69 8.09
O2 MAN D . 4.45 35.17 7.46
O3 MAN D . 2.13 35.61 8.23
O4 MAN D . 0.37 33.43 8.80
O5 MAN D . 3.66 31.79 8.66
O6 MAN D . 0.44 31.05 7.38
ZN ZN E . -15.88 -8.08 -6.58
C1 AZM F . -18.52 -10.70 -9.36
C2 AZM F . -19.79 -12.59 -9.56
C3 AZM F . -21.96 -13.83 -9.45
C4 AZM F . -22.55 -15.21 -9.67
N1 AZM F . -16.51 -9.31 -8.24
N2 AZM F . -18.55 -12.82 -9.88
N3 AZM F . -17.77 -11.69 -9.75
N4 AZM F . -20.59 -13.71 -9.68
O1 AZM F . -18.79 -8.29 -8.35
O2 AZM F . -17.65 -8.47 -10.42
O3 AZM F . -22.71 -12.94 -9.09
S1 AZM F . -17.83 -9.08 -9.10
S2 AZM F . -20.18 -11.01 -9.09
ZN ZN G . 15.46 4.07 2.91
C1 AZM H . 11.24 5.69 2.64
C2 AZM H . 9.06 5.20 3.13
C3 AZM H . 7.13 4.98 4.70
C4 AZM H . 5.65 4.62 4.71
N1 AZM H . 13.66 5.01 1.73
N2 AZM H . 9.30 5.04 1.87
N3 AZM H . 10.61 5.33 1.56
N4 AZM H . 7.76 4.92 3.46
O1 AZM H . 13.48 6.15 3.97
O2 AZM H . 13.03 7.51 2.08
O3 AZM H . 7.65 5.31 5.77
S1 AZM H . 12.96 6.15 2.60
S2 AZM H . 10.35 5.70 4.11
#